data_7EQ2
#
_entry.id   7EQ2
#
_cell.length_a   39.489
_cell.length_b   50.598
_cell.length_c   52.626
_cell.angle_alpha   76.945
_cell.angle_beta   84.616
_cell.angle_gamma   86.271
#
_symmetry.space_group_name_H-M   'P 1'
#
loop_
_entity.id
_entity.type
_entity.pdbx_description
1 polymer 'Ras-related protein Rab-1A'
2 non-polymer "GUANOSINE-5'-DIPHOSPHATE"
3 non-polymer 'MAGNESIUM ION'
4 non-polymer 'COBALT HEXAMMINE(III)'
5 non-polymer (4S)-2-METHYL-2,4-PENTANEDIOL
6 non-polymer 'CACODYLATE ION'
7 water water
#
_entity_poly.entity_id   1
_entity_poly.type   'polypeptide(L)'
_entity_poly.pdbx_seq_one_letter_code
;MSSMNPEYDYLFKLLLIGDSGVGKSCLLLRFADDTYTESYISTIGVDFKIRTIELDGKTIKLQIWDTAGQERFRDITSSY
YRGAHGIIVVYDVTDQESFNNVKQWLQEIDRYASENVNKLLVGNKCDLTTKKVVDYTTAKEFADSLGIPFLETSAKNATN
VEQSFMTMAAEIKKRMLEHHHHHH
;
_entity_poly.pdbx_strand_id   A,B
#
loop_
_chem_comp.id
_chem_comp.type
_chem_comp.name
_chem_comp.formula
CAC non-polymer 'CACODYLATE ION' 'C2 H6 As O2 -1'
GDP RNA linking GUANOSINE-5'-DIPHOSPHATE 'C10 H15 N5 O11 P2'
MG non-polymer 'MAGNESIUM ION' 'Mg 2'
MPD non-polymer (4S)-2-METHYL-2,4-PENTANEDIOL 'C6 H14 O2'
NCO non-polymer 'COBALT HEXAMMINE(III)' 'Co H18 N6 3'
#
# COMPACT_ATOMS: atom_id res chain seq x y z
N GLU A 7 21.24 16.67 -3.90
CA GLU A 7 20.57 17.89 -4.34
C GLU A 7 19.23 17.57 -5.01
N TYR A 8 18.62 18.59 -5.61
CA TYR A 8 17.28 18.45 -6.17
C TYR A 8 17.03 19.59 -7.14
N ASP A 9 16.08 19.36 -8.05
CA ASP A 9 15.62 20.41 -8.95
C ASP A 9 14.57 21.30 -8.29
N TYR A 10 13.62 20.69 -7.56
CA TYR A 10 12.56 21.45 -6.92
C TYR A 10 12.37 20.96 -5.48
N LEU A 11 11.92 21.88 -4.63
CA LEU A 11 11.55 21.57 -3.25
CA LEU A 11 11.55 21.57 -3.25
C LEU A 11 10.11 22.00 -3.05
N PHE A 12 9.24 21.03 -2.74
CA PHE A 12 7.82 21.29 -2.51
C PHE A 12 7.50 21.05 -1.04
N LYS A 13 6.77 21.98 -0.42
CA LYS A 13 6.34 21.86 0.96
C LYS A 13 4.88 21.42 1.01
N LEU A 14 4.62 20.29 1.68
CA LEU A 14 3.29 19.72 1.76
CA LEU A 14 3.29 19.72 1.76
C LEU A 14 2.81 19.70 3.20
N LEU A 15 1.48 19.76 3.38
CA LEU A 15 0.85 19.71 4.69
C LEU A 15 -0.34 18.78 4.62
N LEU A 16 -0.52 17.89 5.60
CA LEU A 16 -1.73 17.08 5.70
C LEU A 16 -2.62 17.66 6.80
N ILE A 17 -3.90 17.87 6.48
CA ILE A 17 -4.88 18.35 7.43
C ILE A 17 -6.10 17.44 7.39
N GLY A 18 -6.96 17.59 8.39
CA GLY A 18 -8.10 16.69 8.54
C GLY A 18 -8.36 16.43 10.01
N ASP A 19 -9.51 15.83 10.30
CA ASP A 19 -9.92 15.57 11.67
C ASP A 19 -8.87 14.72 12.39
N SER A 20 -8.85 14.85 13.71
CA SER A 20 -7.93 14.08 14.51
C SER A 20 -8.18 12.59 14.34
N GLY A 21 -7.10 11.83 14.23
CA GLY A 21 -7.22 10.39 14.27
C GLY A 21 -7.65 9.76 12.96
N VAL A 22 -7.55 10.47 11.84
CA VAL A 22 -7.91 9.88 10.55
C VAL A 22 -6.73 9.19 9.89
N GLY A 23 -5.54 9.33 10.45
CA GLY A 23 -4.33 8.69 9.96
C GLY A 23 -3.36 9.59 9.23
N LYS A 24 -3.43 10.91 9.46
CA LYS A 24 -2.51 11.84 8.79
C LYS A 24 -1.06 11.49 9.11
N SER A 25 -0.74 11.30 10.39
CA SER A 25 0.64 10.99 10.74
C SER A 25 1.04 9.62 10.22
N CYS A 26 0.12 8.65 10.22
CA CYS A 26 0.46 7.33 9.70
C CYS A 26 0.71 7.39 8.20
N LEU A 27 -0.04 8.22 7.47
CA LEU A 27 0.23 8.39 6.05
C LEU A 27 1.62 8.96 5.83
N LEU A 28 1.99 9.98 6.60
CA LEU A 28 3.31 10.60 6.46
C LEU A 28 4.41 9.59 6.77
N LEU A 29 4.24 8.82 7.86
CA LEU A 29 5.28 7.87 8.28
C LEU A 29 5.39 6.72 7.30
N ARG A 30 4.27 6.30 6.71
CA ARG A 30 4.36 5.25 5.70
C ARG A 30 5.12 5.74 4.48
N PHE A 31 4.79 6.93 3.99
CA PHE A 31 5.44 7.47 2.81
C PHE A 31 6.92 7.74 3.06
N ALA A 32 7.25 8.46 4.14
CA ALA A 32 8.63 8.90 4.31
C ALA A 32 9.54 7.82 4.86
N ASP A 33 9.03 6.93 5.72
CA ASP A 33 9.85 5.98 6.45
C ASP A 33 9.52 4.52 6.16
N ASP A 34 8.43 4.25 5.45
CA ASP A 34 7.94 2.89 5.23
C ASP A 34 7.74 2.13 6.55
N THR A 35 7.14 2.80 7.53
CA THR A 35 6.78 2.16 8.79
C THR A 35 5.29 2.35 9.07
N TYR A 36 4.75 1.49 9.93
CA TYR A 36 3.38 1.65 10.42
C TYR A 36 3.28 1.09 11.82
N THR A 37 2.65 1.84 12.72
CA THR A 37 2.33 1.35 14.05
C THR A 37 0.92 1.78 14.43
N GLU A 38 0.29 0.97 15.28
CA GLU A 38 -1.00 1.30 15.87
C GLU A 38 -0.86 2.00 17.23
N SER A 39 0.35 2.12 17.75
CA SER A 39 0.57 2.86 18.99
C SER A 39 0.18 4.31 18.80
N TYR A 40 -0.36 4.91 19.85
CA TYR A 40 -0.85 6.26 19.73
C TYR A 40 0.29 7.23 19.41
N ILE A 41 0.03 8.13 18.47
CA ILE A 41 1.01 9.12 18.02
C ILE A 41 0.49 10.49 18.35
N SER A 42 1.18 11.19 19.23
CA SER A 42 0.94 12.62 19.41
CA SER A 42 0.94 12.63 19.39
C SER A 42 1.86 13.42 18.47
N THR A 43 3.17 13.34 18.71
CA THR A 43 4.17 13.97 17.88
CA THR A 43 4.19 13.98 17.92
C THR A 43 5.09 12.91 17.29
N ILE A 44 5.65 13.20 16.12
CA ILE A 44 6.56 12.28 15.44
C ILE A 44 8.02 12.64 15.68
N GLY A 45 8.30 13.59 16.57
CA GLY A 45 9.66 13.95 16.94
C GLY A 45 10.31 14.98 16.05
N VAL A 46 9.64 15.36 14.95
CA VAL A 46 10.12 16.35 14.00
C VAL A 46 8.90 17.12 13.50
N ASP A 47 9.15 18.32 12.96
CA ASP A 47 8.07 19.09 12.35
C ASP A 47 7.67 18.52 10.98
N PHE A 48 8.59 17.87 10.29
CA PHE A 48 8.36 17.42 8.92
C PHE A 48 9.25 16.22 8.64
N LYS A 49 8.86 15.46 7.62
CA LYS A 49 9.71 14.41 7.07
C LYS A 49 10.05 14.75 5.63
N ILE A 50 11.11 14.14 5.13
CA ILE A 50 11.61 14.41 3.77
C ILE A 50 11.58 13.12 2.96
N ARG A 51 11.11 13.22 1.72
CA ARG A 51 11.35 12.13 0.77
C ARG A 51 11.59 12.75 -0.60
N THR A 52 12.62 12.28 -1.29
CA THR A 52 12.99 12.81 -2.59
C THR A 52 12.49 11.85 -3.66
N ILE A 53 11.80 12.39 -4.66
N ILE A 53 11.85 12.41 -4.69
CA ILE A 53 11.18 11.59 -5.71
CA ILE A 53 11.13 11.67 -5.71
C ILE A 53 11.74 12.05 -7.06
C ILE A 53 11.58 12.14 -7.09
N GLU A 54 11.41 11.28 -8.09
CA GLU A 54 11.73 11.62 -9.47
C GLU A 54 10.44 11.73 -10.26
N LEU A 55 10.30 12.82 -11.01
CA LEU A 55 9.12 13.08 -11.82
C LEU A 55 9.55 13.72 -13.13
N ASP A 56 9.29 13.04 -14.25
CA ASP A 56 9.64 13.57 -15.57
C ASP A 56 11.12 13.91 -15.66
N GLY A 57 11.97 13.06 -15.09
CA GLY A 57 13.40 13.31 -15.08
C GLY A 57 13.86 14.41 -14.18
N LYS A 58 12.97 14.95 -13.34
CA LYS A 58 13.33 16.01 -12.39
C LYS A 58 13.37 15.43 -10.99
N THR A 59 14.34 15.88 -10.20
CA THR A 59 14.47 15.44 -8.82
C THR A 59 13.73 16.41 -7.90
N ILE A 60 12.76 15.91 -7.16
CA ILE A 60 11.88 16.74 -6.35
C ILE A 60 11.99 16.31 -4.89
N LYS A 61 12.47 17.23 -4.06
CA LYS A 61 12.48 17.02 -2.61
C LYS A 61 11.13 17.39 -2.04
N LEU A 62 10.47 16.44 -1.37
CA LEU A 62 9.19 16.71 -0.73
C LEU A 62 9.43 16.85 0.77
N GLN A 63 9.02 17.98 1.31
CA GLN A 63 9.11 18.29 2.73
CA GLN A 63 9.10 18.28 2.73
C GLN A 63 7.67 18.30 3.24
N ILE A 64 7.32 17.31 4.07
CA ILE A 64 5.92 17.05 4.43
C ILE A 64 5.76 17.31 5.91
N TRP A 65 4.93 18.31 6.26
CA TRP A 65 4.77 18.77 7.63
CA TRP A 65 4.78 18.76 7.63
C TRP A 65 3.62 18.07 8.32
N ASP A 66 3.83 17.74 9.60
CA ASP A 66 2.86 17.08 10.47
C ASP A 66 2.18 18.13 11.36
N THR A 67 0.92 17.86 11.73
CA THR A 67 0.19 18.79 12.58
C THR A 67 0.62 18.75 14.04
N ALA A 68 1.45 17.78 14.43
CA ALA A 68 1.87 17.60 15.83
C ALA A 68 0.67 17.47 16.77
N GLY A 69 -0.45 16.96 16.26
CA GLY A 69 -1.61 16.76 17.09
C GLY A 69 -2.31 18.04 17.52
N GLN A 70 -2.00 19.17 16.89
CA GLN A 70 -2.59 20.44 17.33
C GLN A 70 -4.08 20.50 17.09
N GLU A 71 -4.63 19.62 16.26
CA GLU A 71 -6.07 19.58 16.07
C GLU A 71 -6.78 18.77 17.16
N ARG A 72 -6.03 18.06 18.02
N ARG A 72 -6.03 18.06 18.02
CA ARG A 72 -6.65 17.27 19.08
CA ARG A 72 -6.66 17.27 19.07
C ARG A 72 -7.32 18.16 20.11
C ARG A 72 -7.32 18.16 20.11
N PHE A 73 -6.61 19.19 20.56
CA PHE A 73 -7.11 20.06 21.63
C PHE A 73 -7.15 21.54 21.27
N ARG A 74 -6.46 21.97 20.22
CA ARG A 74 -6.53 23.36 19.77
C ARG A 74 -6.81 23.43 18.28
N ASP A 75 -6.01 24.20 17.53
CA ASP A 75 -6.25 24.37 16.10
C ASP A 75 -4.93 24.51 15.35
N ILE A 76 -4.98 24.28 14.04
CA ILE A 76 -3.82 24.48 13.18
C ILE A 76 -3.61 25.97 12.96
N THR A 77 -2.36 26.42 13.15
CA THR A 77 -2.05 27.84 13.02
C THR A 77 -2.07 28.27 11.55
N SER A 78 -2.42 29.54 11.33
CA SER A 78 -2.54 30.04 9.95
C SER A 78 -1.21 29.97 9.20
N SER A 79 -0.08 30.15 9.89
CA SER A 79 1.22 30.11 9.21
C SER A 79 1.49 28.75 8.60
N TYR A 80 1.02 27.68 9.24
CA TYR A 80 1.19 26.34 8.66
C TYR A 80 0.44 26.22 7.33
N TYR A 81 -0.74 26.84 7.24
CA TYR A 81 -1.43 26.85 5.96
C TYR A 81 -0.68 27.67 4.93
N ARG A 82 -0.19 28.85 5.31
CA ARG A 82 0.27 29.80 4.31
C ARG A 82 1.53 29.34 3.59
N GLY A 83 2.38 28.58 4.25
CA GLY A 83 3.62 28.25 3.57
C GLY A 83 3.59 27.00 2.72
N ALA A 84 2.47 26.31 2.63
CA ALA A 84 2.40 25.07 1.88
C ALA A 84 2.23 25.32 0.38
N HIS A 85 2.93 24.50 -0.43
CA HIS A 85 2.65 24.46 -1.85
C HIS A 85 1.46 23.56 -2.17
N GLY A 86 1.23 22.56 -1.34
CA GLY A 86 0.09 21.68 -1.51
C GLY A 86 -0.40 21.20 -0.17
N ILE A 87 -1.72 21.05 -0.07
CA ILE A 87 -2.35 20.57 1.15
C ILE A 87 -3.22 19.37 0.82
N ILE A 88 -2.98 18.27 1.53
CA ILE A 88 -3.78 17.06 1.42
C ILE A 88 -4.80 17.07 2.54
N VAL A 89 -6.08 16.99 2.19
CA VAL A 89 -7.16 16.91 3.18
C VAL A 89 -7.53 15.44 3.31
N VAL A 90 -7.43 14.93 4.54
CA VAL A 90 -7.63 13.51 4.82
C VAL A 90 -8.92 13.33 5.61
N TYR A 91 -9.70 12.31 5.23
CA TYR A 91 -10.80 11.81 6.05
C TYR A 91 -10.62 10.30 6.21
N ASP A 92 -11.44 9.73 7.10
CA ASP A 92 -11.43 8.30 7.43
C ASP A 92 -12.68 7.69 6.80
N VAL A 93 -12.49 6.73 5.88
CA VAL A 93 -13.63 6.16 5.17
C VAL A 93 -14.62 5.43 6.08
N THR A 94 -14.23 5.13 7.32
CA THR A 94 -15.16 4.53 8.29
C THR A 94 -15.88 5.55 9.15
N ASP A 95 -15.63 6.84 8.94
CA ASP A 95 -16.20 7.90 9.79
C ASP A 95 -16.86 8.98 8.94
N GLN A 96 -18.19 8.91 8.85
CA GLN A 96 -18.95 9.89 8.09
C GLN A 96 -18.64 11.32 8.51
N GLU A 97 -18.55 11.56 9.82
CA GLU A 97 -18.31 12.90 10.30
C GLU A 97 -17.02 13.48 9.73
N SER A 98 -15.96 12.67 9.61
CA SER A 98 -14.70 13.20 9.12
C SER A 98 -14.81 13.60 7.67
N PHE A 99 -15.63 12.89 6.90
CA PHE A 99 -15.88 13.28 5.52
C PHE A 99 -16.74 14.55 5.46
N ASN A 100 -17.76 14.64 6.30
CA ASN A 100 -18.58 15.84 6.33
C ASN A 100 -17.72 17.06 6.63
N ASN A 101 -16.71 16.89 7.49
CA ASN A 101 -15.88 17.99 7.92
C ASN A 101 -14.86 18.40 6.87
N VAL A 102 -14.73 17.65 5.77
CA VAL A 102 -13.84 18.06 4.68
C VAL A 102 -14.23 19.45 4.19
N LYS A 103 -15.52 19.74 4.14
CA LYS A 103 -15.96 21.08 3.73
CA LYS A 103 -15.98 21.07 3.74
C LYS A 103 -15.37 22.15 4.63
N GLN A 104 -15.36 21.92 5.94
CA GLN A 104 -14.79 22.89 6.87
C GLN A 104 -13.28 23.02 6.69
N TRP A 105 -12.59 21.91 6.45
CA TRP A 105 -11.15 22.00 6.22
C TRP A 105 -10.84 22.76 4.95
N LEU A 106 -11.66 22.59 3.91
CA LEU A 106 -11.46 23.37 2.69
C LEU A 106 -11.72 24.86 2.94
N GLN A 107 -12.67 25.20 3.82
CA GLN A 107 -12.87 26.60 4.16
C GLN A 107 -11.67 27.16 4.93
N GLU A 108 -11.03 26.35 5.78
CA GLU A 108 -9.80 26.79 6.45
C GLU A 108 -8.71 27.07 5.44
N ILE A 109 -8.58 26.22 4.43
CA ILE A 109 -7.60 26.46 3.37
C ILE A 109 -7.88 27.79 2.70
N ASP A 110 -9.14 28.06 2.38
CA ASP A 110 -9.51 29.34 1.77
C ASP A 110 -9.18 30.50 2.70
N ARG A 111 -9.32 30.32 4.00
CA ARG A 111 -9.08 31.41 4.93
C ARG A 111 -7.59 31.71 5.11
N TYR A 112 -6.73 30.68 5.09
CA TYR A 112 -5.36 30.83 5.57
C TYR A 112 -4.26 30.45 4.59
N ALA A 113 -4.54 29.61 3.58
CA ALA A 113 -3.46 29.15 2.73
C ALA A 113 -3.15 30.18 1.65
N SER A 114 -2.10 29.92 0.86
CA SER A 114 -1.78 30.75 -0.29
CA SER A 114 -1.80 30.78 -0.27
C SER A 114 -2.88 30.64 -1.34
N GLU A 115 -2.99 31.67 -2.18
CA GLU A 115 -4.09 31.73 -3.13
C GLU A 115 -4.10 30.53 -4.07
N ASN A 116 -2.94 30.10 -4.54
CA ASN A 116 -2.87 29.09 -5.59
C ASN A 116 -2.47 27.72 -5.07
N VAL A 117 -2.60 27.48 -3.75
CA VAL A 117 -2.19 26.19 -3.21
C VAL A 117 -2.89 25.04 -3.93
N ASN A 118 -2.16 23.95 -4.13
CA ASN A 118 -2.77 22.74 -4.69
C ASN A 118 -3.43 21.93 -3.59
N LYS A 119 -4.54 21.30 -3.95
CA LYS A 119 -5.35 20.51 -3.01
C LYS A 119 -5.51 19.09 -3.53
N LEU A 120 -5.57 18.15 -2.58
CA LEU A 120 -5.84 16.75 -2.89
C LEU A 120 -6.67 16.18 -1.75
N LEU A 121 -7.68 15.38 -2.09
CA LEU A 121 -8.52 14.70 -1.11
C LEU A 121 -8.10 13.24 -0.97
N VAL A 122 -7.90 12.78 0.26
CA VAL A 122 -7.51 11.40 0.54
C VAL A 122 -8.52 10.80 1.51
N GLY A 123 -9.08 9.65 1.14
CA GLY A 123 -9.86 8.86 2.09
C GLY A 123 -9.05 7.69 2.62
N ASN A 124 -8.64 7.77 3.88
CA ASN A 124 -7.73 6.79 4.47
C ASN A 124 -8.49 5.68 5.20
N LYS A 125 -7.75 4.63 5.56
CA LYS A 125 -8.23 3.41 6.23
C LYS A 125 -9.11 2.59 5.31
N CYS A 126 -8.81 2.61 4.01
CA CYS A 126 -9.62 1.90 3.03
C CYS A 126 -9.50 0.38 3.20
N ASP A 127 -8.61 -0.10 4.07
CA ASP A 127 -8.53 -1.52 4.39
C ASP A 127 -9.68 -1.99 5.28
N LEU A 128 -10.38 -1.09 5.96
CA LEU A 128 -11.42 -1.46 6.91
C LEU A 128 -12.75 -1.62 6.17
N THR A 129 -12.80 -2.67 5.34
CA THR A 129 -13.92 -2.85 4.42
C THR A 129 -15.24 -3.03 5.15
N THR A 130 -15.25 -3.80 6.24
CA THR A 130 -16.51 -4.07 6.93
C THR A 130 -17.01 -2.87 7.74
N LYS A 131 -16.18 -1.85 7.95
CA LYS A 131 -16.58 -0.65 8.68
C LYS A 131 -16.73 0.56 7.78
N LYS A 132 -16.47 0.41 6.49
CA LYS A 132 -16.49 1.54 5.56
C LYS A 132 -17.90 2.10 5.42
N VAL A 133 -18.03 3.43 5.53
CA VAL A 133 -19.32 4.09 5.37
C VAL A 133 -19.31 5.17 4.31
N VAL A 134 -18.14 5.67 3.90
CA VAL A 134 -18.04 6.67 2.83
C VAL A 134 -17.62 5.92 1.57
N ASP A 135 -18.56 5.72 0.66
CA ASP A 135 -18.22 5.00 -0.56
C ASP A 135 -17.28 5.83 -1.43
N TYR A 136 -16.44 5.12 -2.19
CA TYR A 136 -15.58 5.78 -3.17
C TYR A 136 -16.37 6.73 -4.06
N THR A 137 -17.55 6.32 -4.53
CA THR A 137 -18.29 7.16 -5.48
C THR A 137 -18.78 8.45 -4.84
N THR A 138 -19.14 8.41 -3.56
CA THR A 138 -19.58 9.61 -2.85
C THR A 138 -18.46 10.64 -2.80
N ALA A 139 -17.26 10.21 -2.41
CA ALA A 139 -16.15 11.13 -2.28
C ALA A 139 -15.63 11.58 -3.63
N LYS A 140 -15.61 10.68 -4.62
CA LYS A 140 -15.17 11.06 -5.96
C LYS A 140 -16.09 12.10 -6.58
N GLU A 141 -17.41 11.95 -6.40
CA GLU A 141 -18.34 12.93 -6.92
CA GLU A 141 -18.35 12.93 -6.91
C GLU A 141 -18.10 14.29 -6.28
N PHE A 142 -17.85 14.33 -4.97
CA PHE A 142 -17.55 15.58 -4.30
C PHE A 142 -16.27 16.20 -4.83
N ALA A 143 -15.19 15.41 -4.88
CA ALA A 143 -13.92 15.95 -5.36
C ALA A 143 -14.04 16.44 -6.80
N ASP A 144 -14.76 15.69 -7.64
CA ASP A 144 -14.94 16.09 -9.04
C ASP A 144 -15.69 17.42 -9.13
N SER A 145 -16.65 17.64 -8.22
CA SER A 145 -17.42 18.88 -8.28
C SER A 145 -16.53 20.08 -8.01
N LEU A 146 -15.40 19.90 -7.33
CA LEU A 146 -14.46 20.96 -7.04
C LEU A 146 -13.24 20.95 -7.94
N GLY A 147 -13.15 19.97 -8.84
CA GLY A 147 -11.98 19.84 -9.68
C GLY A 147 -10.71 19.45 -8.95
N ILE A 148 -10.82 18.73 -7.84
CA ILE A 148 -9.68 18.35 -7.00
CA ILE A 148 -9.63 18.36 -7.08
C ILE A 148 -9.46 16.86 -7.15
N PRO A 149 -8.21 16.37 -7.25
CA PRO A 149 -7.98 14.92 -7.33
C PRO A 149 -8.33 14.24 -6.02
N PHE A 150 -8.63 12.95 -6.14
CA PHE A 150 -9.08 12.12 -5.02
C PHE A 150 -8.49 10.72 -5.13
N LEU A 151 -8.00 10.21 -4.01
CA LEU A 151 -7.54 8.82 -3.89
C LEU A 151 -7.97 8.27 -2.55
N GLU A 152 -8.23 6.96 -2.52
CA GLU A 152 -8.37 6.22 -1.27
C GLU A 152 -7.05 5.56 -0.91
N THR A 153 -6.70 5.59 0.37
CA THR A 153 -5.41 5.09 0.82
C THR A 153 -5.57 4.17 2.01
N SER A 154 -4.54 3.38 2.25
CA SER A 154 -4.37 2.66 3.51
C SER A 154 -2.93 2.82 3.94
N ALA A 155 -2.70 3.62 5.00
CA ALA A 155 -1.37 3.64 5.59
C ALA A 155 -0.98 2.25 6.09
N LYS A 156 -1.95 1.52 6.63
CA LYS A 156 -1.67 0.21 7.22
C LYS A 156 -1.18 -0.78 6.17
N ASN A 157 -1.87 -0.86 5.03
CA ASN A 157 -1.50 -1.78 3.96
C ASN A 157 -0.64 -1.16 2.87
N ALA A 158 -0.32 0.13 2.98
CA ALA A 158 0.47 0.92 2.02
C ALA A 158 -0.28 1.22 0.72
N THR A 159 -1.57 0.94 0.64
CA THR A 159 -2.32 1.08 -0.60
C THR A 159 -2.40 2.54 -1.02
N ASN A 160 -1.90 2.87 -2.21
CA ASN A 160 -2.03 4.17 -2.84
C ASN A 160 -1.31 5.29 -2.09
N VAL A 161 -0.46 4.97 -1.12
CA VAL A 161 0.18 6.02 -0.35
C VAL A 161 1.21 6.75 -1.20
N GLU A 162 2.13 5.99 -1.84
CA GLU A 162 3.08 6.63 -2.74
C GLU A 162 2.36 7.38 -3.85
N GLN A 163 1.32 6.77 -4.42
CA GLN A 163 0.59 7.43 -5.51
C GLN A 163 -0.01 8.76 -5.08
N SER A 164 -0.54 8.84 -3.84
CA SER A 164 -1.14 10.09 -3.38
CA SER A 164 -1.14 10.09 -3.38
C SER A 164 -0.12 11.21 -3.37
N PHE A 165 1.06 10.95 -2.81
CA PHE A 165 2.08 11.99 -2.76
C PHE A 165 2.63 12.31 -4.15
N MET A 166 2.73 11.30 -5.04
CA MET A 166 3.20 11.56 -6.39
C MET A 166 2.19 12.39 -7.17
N THR A 167 0.90 12.14 -6.94
CA THR A 167 -0.14 12.93 -7.59
C THR A 167 -0.06 14.39 -7.16
N MET A 168 0.11 14.63 -5.85
CA MET A 168 0.25 16.00 -5.38
C MET A 168 1.47 16.67 -5.98
N ALA A 169 2.61 15.94 -6.00
CA ALA A 169 3.81 16.52 -6.58
C ALA A 169 3.59 16.87 -8.05
N ALA A 170 2.90 16.00 -8.79
CA ALA A 170 2.65 16.28 -10.20
C ALA A 170 1.78 17.52 -10.38
N GLU A 171 0.79 17.71 -9.50
CA GLU A 171 -0.07 18.88 -9.58
C GLU A 171 0.71 20.17 -9.33
N ILE A 172 1.58 20.15 -8.32
CA ILE A 172 2.39 21.32 -7.98
C ILE A 172 3.34 21.64 -9.13
N LYS A 173 4.02 20.61 -9.66
CA LYS A 173 4.96 20.83 -10.76
C LYS A 173 4.25 21.43 -11.96
N LYS A 174 3.05 20.95 -12.26
CA LYS A 174 2.29 21.48 -13.40
C LYS A 174 1.98 22.96 -13.18
N ARG A 175 1.55 23.32 -11.97
CA ARG A 175 1.27 24.73 -11.68
C ARG A 175 2.53 25.58 -11.76
N MET A 176 3.65 25.07 -11.24
CA MET A 176 4.89 25.83 -11.25
C MET A 176 5.39 26.10 -12.66
N LEU A 177 5.26 25.11 -13.55
CA LEU A 177 5.74 25.25 -14.91
C LEU A 177 4.82 26.10 -15.78
N GLU A 178 3.58 26.31 -15.35
CA GLU A 178 2.64 27.15 -16.09
C GLU A 178 2.85 28.62 -15.75
N ASN B 5 -20.95 -7.80 -17.15
CA ASN B 5 -20.66 -8.13 -15.75
C ASN B 5 -20.67 -6.90 -14.86
N PRO B 6 -21.85 -6.55 -14.33
CA PRO B 6 -21.91 -5.45 -13.36
C PRO B 6 -21.52 -5.84 -11.94
N GLU B 7 -21.32 -7.13 -11.65
CA GLU B 7 -21.01 -7.52 -10.27
C GLU B 7 -19.58 -7.17 -9.90
N TYR B 8 -18.62 -7.48 -10.77
CA TYR B 8 -17.23 -7.12 -10.50
C TYR B 8 -16.55 -6.70 -11.80
N ASP B 9 -15.50 -5.91 -11.66
CA ASP B 9 -14.83 -5.31 -12.81
C ASP B 9 -13.62 -6.12 -13.28
N TYR B 10 -12.94 -6.82 -12.39
CA TYR B 10 -11.73 -7.56 -12.74
C TYR B 10 -11.71 -8.88 -12.01
N LEU B 11 -11.01 -9.84 -12.61
CA LEU B 11 -10.74 -11.14 -11.98
C LEU B 11 -9.25 -11.41 -12.14
N PHE B 12 -8.51 -11.38 -11.03
CA PHE B 12 -7.07 -11.66 -11.03
C PHE B 12 -6.79 -13.01 -10.40
N LYS B 13 -5.87 -13.76 -11.00
CA LYS B 13 -5.48 -15.09 -10.52
C LYS B 13 -4.07 -15.00 -9.95
N LEU B 14 -3.93 -15.36 -8.68
CA LEU B 14 -2.66 -15.28 -7.96
C LEU B 14 -2.21 -16.67 -7.55
N LEU B 15 -0.89 -16.89 -7.61
CA LEU B 15 -0.29 -18.16 -7.23
C LEU B 15 0.87 -17.89 -6.28
N LEU B 16 0.96 -18.67 -5.20
CA LEU B 16 2.15 -18.66 -4.36
C LEU B 16 3.02 -19.87 -4.67
N ILE B 17 4.30 -19.65 -4.83
CA ILE B 17 5.25 -20.73 -5.06
C ILE B 17 6.41 -20.56 -4.09
N GLY B 18 7.23 -21.61 -3.98
CA GLY B 18 8.27 -21.63 -2.96
C GLY B 18 8.44 -23.02 -2.39
N ASP B 19 9.53 -23.24 -1.67
CA ASP B 19 9.83 -24.55 -1.12
C ASP B 19 8.69 -25.04 -0.23
N SER B 20 8.61 -26.35 -0.09
CA SER B 20 7.58 -26.93 0.75
C SER B 20 7.77 -26.47 2.19
N GLY B 21 6.66 -26.17 2.86
CA GLY B 21 6.71 -25.89 4.28
C GLY B 21 7.14 -24.51 4.67
N VAL B 22 7.13 -23.55 3.74
CA VAL B 22 7.52 -22.18 4.07
C VAL B 22 6.34 -21.35 4.52
N GLY B 23 5.11 -21.87 4.39
CA GLY B 23 3.91 -21.16 4.79
C GLY B 23 3.04 -20.62 3.66
N LYS B 24 3.18 -21.12 2.44
CA LYS B 24 2.36 -20.65 1.32
C LYS B 24 0.87 -20.84 1.61
N SER B 25 0.50 -22.04 2.04
CA SER B 25 -0.92 -22.29 2.31
C SER B 25 -1.41 -21.47 3.50
N CYS B 26 -0.58 -21.29 4.53
CA CYS B 26 -0.96 -20.44 5.65
C CYS B 26 -1.14 -18.99 5.24
N LEU B 27 -0.30 -18.49 4.33
CA LEU B 27 -0.51 -17.13 3.85
C LEU B 27 -1.83 -17.01 3.11
N LEU B 28 -2.13 -17.97 2.24
CA LEU B 28 -3.39 -18.00 1.52
C LEU B 28 -4.57 -17.99 2.49
N LEU B 29 -4.53 -18.86 3.49
CA LEU B 29 -5.68 -18.99 4.37
C LEU B 29 -5.81 -17.79 5.28
N ARG B 30 -4.70 -17.21 5.71
CA ARG B 30 -4.78 -15.97 6.49
C ARG B 30 -5.45 -14.88 5.68
N PHE B 31 -5.06 -14.72 4.41
CA PHE B 31 -5.63 -13.67 3.59
C PHE B 31 -7.09 -13.96 3.24
N ALA B 32 -7.39 -15.18 2.85
CA ALA B 32 -8.72 -15.45 2.33
C ALA B 32 -9.74 -15.68 3.44
N ASP B 33 -9.32 -16.31 4.54
CA ASP B 33 -10.25 -16.75 5.57
C ASP B 33 -9.97 -16.17 6.95
N ASP B 34 -8.87 -15.44 7.12
CA ASP B 34 -8.46 -14.88 8.41
C ASP B 34 -8.34 -15.96 9.48
N THR B 35 -7.84 -17.14 9.08
CA THR B 35 -7.59 -18.24 9.98
C THR B 35 -6.11 -18.62 9.95
N TYR B 36 -5.68 -19.32 10.99
CA TYR B 36 -4.33 -19.86 11.05
C TYR B 36 -4.34 -21.11 11.91
N THR B 37 -3.75 -22.19 11.38
CA THR B 37 -3.56 -23.42 12.13
C THR B 37 -2.15 -23.95 11.88
N GLU B 38 -1.62 -24.66 12.87
CA GLU B 38 -0.34 -25.33 12.70
C GLU B 38 -0.49 -26.82 12.45
N SER B 39 -1.73 -27.30 12.27
CA SER B 39 -1.93 -28.66 11.79
C SER B 39 -1.44 -28.79 10.36
N TYR B 40 -0.98 -30.00 10.02
CA TYR B 40 -0.37 -30.21 8.71
C TYR B 40 -1.40 -30.04 7.59
N ILE B 41 -1.08 -29.21 6.61
CA ILE B 41 -1.96 -28.92 5.48
C ILE B 41 -1.40 -29.62 4.25
N SER B 42 -2.16 -30.56 3.70
CA SER B 42 -1.86 -31.12 2.38
C SER B 42 -2.65 -30.32 1.33
N THR B 43 -3.96 -30.48 1.35
CA THR B 43 -4.88 -29.79 0.46
CA THR B 43 -4.85 -29.75 0.45
C THR B 43 -5.77 -28.87 1.28
N ILE B 44 -6.32 -27.84 0.62
CA ILE B 44 -7.27 -26.95 1.27
C ILE B 44 -8.71 -27.23 0.86
N GLY B 45 -8.94 -28.28 0.06
CA GLY B 45 -10.27 -28.73 -0.28
C GLY B 45 -10.85 -28.13 -1.54
N VAL B 46 -10.23 -27.08 -2.07
CA VAL B 46 -10.69 -26.39 -3.27
C VAL B 46 -9.44 -25.97 -4.04
N ASP B 47 -9.63 -25.65 -5.33
CA ASP B 47 -8.50 -25.23 -6.15
C ASP B 47 -7.96 -23.88 -5.68
N PHE B 48 -8.86 -22.99 -5.27
CA PHE B 48 -8.47 -21.65 -4.88
C PHE B 48 -9.49 -21.11 -3.90
N LYS B 49 -9.10 -20.08 -3.19
CA LYS B 49 -10.05 -19.31 -2.40
C LYS B 49 -10.18 -17.91 -2.98
N ILE B 50 -11.32 -17.29 -2.74
CA ILE B 50 -11.67 -15.97 -3.28
C ILE B 50 -11.56 -14.94 -2.18
N ARG B 51 -10.99 -13.77 -2.52
CA ARG B 51 -11.16 -12.58 -1.73
C ARG B 51 -11.59 -11.46 -2.67
N THR B 52 -12.63 -10.72 -2.29
CA THR B 52 -13.12 -9.61 -3.08
C THR B 52 -12.61 -8.32 -2.48
N ILE B 53 -12.02 -7.47 -3.31
CA ILE B 53 -11.46 -6.21 -2.85
C ILE B 53 -11.98 -5.09 -3.76
N GLU B 54 -11.77 -3.86 -3.30
CA GLU B 54 -12.07 -2.69 -4.11
C GLU B 54 -10.84 -1.81 -4.17
N LEU B 55 -10.46 -1.40 -5.37
CA LEU B 55 -9.34 -0.50 -5.58
C LEU B 55 -9.80 0.59 -6.52
N ASP B 56 -9.71 1.84 -6.06
CA ASP B 56 -10.04 2.99 -6.90
C ASP B 56 -11.47 2.88 -7.45
N GLY B 57 -12.37 2.35 -6.64
CA GLY B 57 -13.76 2.19 -7.03
C GLY B 57 -14.05 1.01 -7.92
N LYS B 58 -13.05 0.17 -8.21
CA LYS B 58 -13.22 -1.01 -9.05
C LYS B 58 -13.27 -2.25 -8.18
N THR B 59 -14.27 -3.11 -8.41
CA THR B 59 -14.39 -4.37 -7.65
C THR B 59 -13.57 -5.44 -8.32
N ILE B 60 -12.68 -6.08 -7.55
CA ILE B 60 -11.72 -7.05 -8.07
C ILE B 60 -11.92 -8.35 -7.32
N LYS B 61 -12.17 -9.43 -8.04
CA LYS B 61 -12.16 -10.77 -7.46
C LYS B 61 -10.74 -11.32 -7.56
N LEU B 62 -10.15 -11.69 -6.43
CA LEU B 62 -8.85 -12.36 -6.42
C LEU B 62 -9.06 -13.84 -6.18
N GLN B 63 -8.62 -14.67 -7.11
CA GLN B 63 -8.52 -16.11 -6.92
C GLN B 63 -7.10 -16.39 -6.44
N ILE B 64 -6.97 -16.91 -5.22
CA ILE B 64 -5.66 -17.28 -4.70
CA ILE B 64 -5.66 -17.28 -4.68
C ILE B 64 -5.55 -18.79 -4.77
N TRP B 65 -4.70 -19.26 -5.68
CA TRP B 65 -4.57 -20.69 -5.98
C TRP B 65 -3.52 -21.35 -5.09
N ASP B 66 -3.87 -22.52 -4.55
CA ASP B 66 -2.96 -23.30 -3.72
C ASP B 66 -2.17 -24.29 -4.56
N THR B 67 -0.96 -24.63 -4.12
CA THR B 67 -0.18 -25.63 -4.84
C THR B 67 -0.67 -27.06 -4.60
N ALA B 68 -1.55 -27.28 -3.63
CA ALA B 68 -2.06 -28.61 -3.27
C ALA B 68 -0.91 -29.55 -2.91
N GLY B 69 0.17 -29.00 -2.37
CA GLY B 69 1.29 -29.80 -1.93
C GLY B 69 2.09 -30.43 -3.02
N GLN B 70 1.86 -30.05 -4.29
CA GLN B 70 2.53 -30.72 -5.39
C GLN B 70 4.05 -30.56 -5.35
N GLU B 71 4.55 -29.55 -4.64
CA GLU B 71 6.00 -29.39 -4.54
C GLU B 71 6.64 -30.34 -3.53
N ARG B 72 5.84 -31.07 -2.74
CA ARG B 72 6.38 -31.99 -1.72
C ARG B 72 6.99 -33.23 -2.36
N PHE B 73 6.27 -33.85 -3.29
CA PHE B 73 6.71 -35.11 -3.88
C PHE B 73 6.84 -35.04 -5.39
N ARG B 74 6.33 -33.99 -6.02
CA ARG B 74 6.43 -33.82 -7.47
C ARG B 74 6.83 -32.38 -7.79
N ASP B 75 6.33 -31.82 -8.89
CA ASP B 75 6.63 -30.45 -9.25
C ASP B 75 5.35 -29.66 -9.51
N ILE B 76 5.44 -28.34 -9.34
CA ILE B 76 4.36 -27.46 -9.79
C ILE B 76 4.35 -27.45 -11.30
N THR B 77 3.23 -27.84 -11.90
CA THR B 77 3.14 -28.00 -13.34
C THR B 77 3.10 -26.65 -14.06
N SER B 78 3.48 -26.67 -15.33
CA SER B 78 3.60 -25.43 -16.09
C SER B 78 2.28 -24.68 -16.21
N SER B 79 1.15 -25.40 -16.29
CA SER B 79 -0.13 -24.73 -16.45
C SER B 79 -0.47 -23.86 -15.24
N TYR B 80 -0.02 -24.26 -14.04
CA TYR B 80 -0.27 -23.41 -12.88
C TYR B 80 0.44 -22.07 -13.01
N TYR B 81 1.62 -22.05 -13.62
CA TYR B 81 2.33 -20.80 -13.83
C TYR B 81 1.66 -19.95 -14.90
N ARG B 82 1.23 -20.58 -15.99
CA ARG B 82 0.85 -19.86 -17.19
C ARG B 82 -0.39 -19.00 -16.97
N GLY B 83 -1.32 -19.43 -16.14
CA GLY B 83 -2.55 -18.66 -16.03
C GLY B 83 -2.58 -17.58 -14.97
N ALA B 84 -1.47 -17.37 -14.28
CA ALA B 84 -1.42 -16.40 -13.18
C ALA B 84 -1.21 -14.98 -13.68
N HIS B 85 -1.93 -14.02 -13.07
CA HIS B 85 -1.60 -12.60 -13.25
C HIS B 85 -0.47 -12.16 -12.34
N GLY B 86 -0.33 -12.79 -11.19
CA GLY B 86 0.71 -12.48 -10.24
C GLY B 86 1.18 -13.72 -9.54
N ILE B 87 2.49 -13.79 -9.27
CA ILE B 87 3.08 -14.91 -8.54
C ILE B 87 3.88 -14.37 -7.37
N ILE B 88 3.61 -14.90 -6.18
CA ILE B 88 4.35 -14.57 -4.98
C ILE B 88 5.32 -15.71 -4.72
N VAL B 89 6.61 -15.39 -4.67
CA VAL B 89 7.63 -16.38 -4.32
C VAL B 89 7.90 -16.23 -2.82
N VAL B 90 7.75 -17.32 -2.08
CA VAL B 90 7.84 -17.32 -0.63
C VAL B 90 9.08 -18.10 -0.18
N TYR B 91 9.81 -17.55 0.78
CA TYR B 91 10.83 -18.32 1.50
C TYR B 91 10.54 -18.16 3.00
N ASP B 92 11.27 -18.93 3.79
CA ASP B 92 11.12 -18.96 5.24
C ASP B 92 12.35 -18.27 5.83
N VAL B 93 12.15 -17.17 6.58
CA VAL B 93 13.29 -16.41 7.06
C VAL B 93 14.17 -17.20 8.04
N THR B 94 13.69 -18.34 8.54
CA THR B 94 14.49 -19.20 9.40
C THR B 94 15.21 -20.31 8.63
N ASP B 95 15.10 -20.35 7.30
CA ASP B 95 15.70 -21.43 6.50
C ASP B 95 16.47 -20.84 5.33
N GLN B 96 17.80 -20.83 5.46
CA GLN B 96 18.65 -20.29 4.41
C GLN B 96 18.42 -20.99 3.06
N GLU B 97 18.25 -22.31 3.08
CA GLU B 97 18.08 -23.05 1.83
C GLU B 97 16.86 -22.57 1.05
N SER B 98 15.77 -22.23 1.75
CA SER B 98 14.56 -21.78 1.06
C SER B 98 14.79 -20.44 0.39
N PHE B 99 15.67 -19.59 0.96
CA PHE B 99 16.00 -18.35 0.30
C PHE B 99 16.93 -18.58 -0.89
N ASN B 100 17.93 -19.45 -0.73
CA ASN B 100 18.80 -19.78 -1.87
C ASN B 100 17.98 -20.29 -3.05
N ASN B 101 16.93 -21.06 -2.77
CA ASN B 101 16.13 -21.65 -3.83
C ASN B 101 15.21 -20.66 -4.51
N VAL B 102 15.08 -19.43 -3.98
CA VAL B 102 14.29 -18.40 -4.65
C VAL B 102 14.77 -18.21 -6.07
N LYS B 103 16.08 -18.27 -6.29
CA LYS B 103 16.62 -18.13 -7.64
CA LYS B 103 16.61 -18.12 -7.65
C LYS B 103 16.01 -19.17 -8.60
N GLN B 104 15.92 -20.42 -8.14
CA GLN B 104 15.34 -21.46 -8.99
C GLN B 104 13.86 -21.23 -9.22
N TRP B 105 13.13 -20.73 -8.20
CA TRP B 105 11.71 -20.47 -8.38
C TRP B 105 11.50 -19.35 -9.40
N LEU B 106 12.37 -18.34 -9.39
CA LEU B 106 12.26 -17.27 -10.38
C LEU B 106 12.58 -17.79 -11.77
N GLN B 107 13.50 -18.75 -11.89
CA GLN B 107 13.76 -19.36 -13.19
C GLN B 107 12.56 -20.15 -13.69
N GLU B 108 11.83 -20.81 -12.77
CA GLU B 108 10.59 -21.49 -13.17
C GLU B 108 9.58 -20.48 -13.71
N ILE B 109 9.46 -19.32 -13.08
CA ILE B 109 8.55 -18.29 -13.58
C ILE B 109 8.96 -17.86 -14.97
N ASP B 110 10.26 -17.68 -15.20
CA ASP B 110 10.70 -17.32 -16.54
C ASP B 110 10.40 -18.42 -17.55
N ARG B 111 10.49 -19.68 -17.14
CA ARG B 111 10.27 -20.79 -18.06
C ARG B 111 8.80 -20.97 -18.39
N TYR B 112 7.87 -20.72 -17.44
CA TYR B 112 6.50 -21.19 -17.59
C TYR B 112 5.41 -20.11 -17.46
N ALA B 113 5.67 -18.98 -16.82
CA ALA B 113 4.60 -18.01 -16.61
C ALA B 113 4.42 -17.10 -17.83
N SER B 114 3.40 -16.25 -17.75
CA SER B 114 3.20 -15.28 -18.82
C SER B 114 4.34 -14.27 -18.83
N GLU B 115 4.52 -13.60 -19.97
CA GLU B 115 5.70 -12.74 -20.13
C GLU B 115 5.72 -11.60 -19.13
N ASN B 116 4.56 -11.00 -18.84
CA ASN B 116 4.51 -9.81 -17.99
C ASN B 116 3.93 -10.08 -16.61
N VAL B 117 3.96 -11.34 -16.15
CA VAL B 117 3.41 -11.66 -14.84
C VAL B 117 4.04 -10.77 -13.77
N ASN B 118 3.21 -10.32 -12.84
CA ASN B 118 3.69 -9.54 -11.71
C ASN B 118 4.28 -10.48 -10.66
N LYS B 119 5.33 -10.02 -10.00
CA LYS B 119 6.09 -10.84 -9.06
CA LYS B 119 6.09 -10.85 -9.06
C LYS B 119 6.25 -10.12 -7.73
N LEU B 120 6.30 -10.90 -6.66
CA LEU B 120 6.55 -10.36 -5.33
C LEU B 120 7.35 -11.39 -4.56
N LEU B 121 8.35 -10.96 -3.79
CA LEU B 121 9.12 -11.85 -2.93
C LEU B 121 8.69 -11.65 -1.48
N VAL B 122 8.37 -12.75 -0.80
CA VAL B 122 7.89 -12.71 0.58
C VAL B 122 8.79 -13.58 1.44
N GLY B 123 9.32 -13.00 2.50
CA GLY B 123 9.98 -13.76 3.55
C GLY B 123 9.05 -13.98 4.72
N ASN B 124 8.55 -15.21 4.86
CA ASN B 124 7.52 -15.53 5.83
C ASN B 124 8.12 -16.07 7.13
N LYS B 125 7.26 -16.14 8.16
CA LYS B 125 7.61 -16.54 9.53
C LYS B 125 8.46 -15.48 10.22
N CYS B 126 8.23 -14.21 9.90
CA CYS B 126 9.06 -13.15 10.47
C CYS B 126 8.81 -12.97 11.97
N ASP B 127 7.79 -13.63 12.52
CA ASP B 127 7.59 -13.66 13.97
C ASP B 127 8.67 -14.44 14.69
N LEU B 128 9.40 -15.32 14.01
CA LEU B 128 10.39 -16.20 14.64
C LEU B 128 11.72 -15.47 14.75
N THR B 129 11.74 -14.43 15.59
CA THR B 129 12.87 -13.51 15.63
C THR B 129 14.16 -14.20 16.06
N THR B 130 14.10 -15.09 17.05
CA THR B 130 15.33 -15.71 17.53
C THR B 130 15.83 -16.84 16.63
N LYS B 131 15.05 -17.27 15.65
CA LYS B 131 15.47 -18.32 14.72
C LYS B 131 15.78 -17.77 13.33
N LYS B 132 15.63 -16.46 13.13
CA LYS B 132 15.79 -15.86 11.82
C LYS B 132 17.25 -15.92 11.37
N VAL B 133 17.49 -16.42 10.16
CA VAL B 133 18.85 -16.48 9.62
C VAL B 133 19.00 -15.71 8.30
N VAL B 134 17.91 -15.40 7.59
CA VAL B 134 17.98 -14.56 6.40
C VAL B 134 17.62 -13.15 6.83
N ASP B 135 18.62 -12.26 6.83
CA ASP B 135 18.37 -10.88 7.22
C ASP B 135 17.54 -10.16 6.18
N TYR B 136 16.72 -9.23 6.64
CA TYR B 136 15.98 -8.35 5.74
C TYR B 136 16.89 -7.74 4.68
N THR B 137 18.08 -7.26 5.07
CA THR B 137 18.93 -6.56 4.12
C THR B 137 19.47 -7.49 3.03
N THR B 138 19.63 -8.78 3.34
CA THR B 138 20.08 -9.73 2.32
C THR B 138 19.01 -9.91 1.26
N ALA B 139 17.77 -10.14 1.69
CA ALA B 139 16.67 -10.36 0.75
C ALA B 139 16.32 -9.07 0.01
N LYS B 140 16.38 -7.93 0.69
CA LYS B 140 16.07 -6.66 0.03
C LYS B 140 17.12 -6.33 -1.04
N GLU B 141 18.40 -6.54 -0.74
CA GLU B 141 19.44 -6.31 -1.76
C GLU B 141 19.18 -7.17 -2.99
N PHE B 142 18.82 -8.44 -2.78
CA PHE B 142 18.56 -9.34 -3.90
C PHE B 142 17.31 -8.89 -4.67
N ALA B 143 16.23 -8.60 -3.96
CA ALA B 143 14.99 -8.20 -4.64
C ALA B 143 15.20 -6.90 -5.42
N ASP B 144 15.89 -5.92 -4.81
CA ASP B 144 16.13 -4.66 -5.50
C ASP B 144 16.93 -4.87 -6.78
N SER B 145 17.87 -5.81 -6.77
CA SER B 145 18.72 -6.03 -7.95
C SER B 145 17.92 -6.59 -9.12
N LEU B 146 16.74 -7.14 -8.86
CA LEU B 146 15.86 -7.66 -9.89
C LEU B 146 14.64 -6.77 -10.13
N GLY B 147 14.50 -5.68 -9.39
CA GLY B 147 13.32 -4.86 -9.51
C GLY B 147 12.04 -5.49 -9.00
N ILE B 148 12.15 -6.46 -8.10
CA ILE B 148 11.00 -7.17 -7.54
C ILE B 148 10.67 -6.57 -6.18
N PRO B 149 9.41 -6.27 -5.89
CA PRO B 149 9.07 -5.83 -4.53
C PRO B 149 9.27 -6.95 -3.52
N PHE B 150 9.50 -6.56 -2.27
CA PHE B 150 9.84 -7.50 -1.21
C PHE B 150 9.20 -7.08 0.10
N LEU B 151 8.63 -8.06 0.80
CA LEU B 151 8.01 -7.87 2.11
CA LEU B 151 8.04 -7.87 2.12
C LEU B 151 8.35 -9.07 2.99
N GLU B 152 8.48 -8.83 4.29
CA GLU B 152 8.50 -9.88 5.29
C GLU B 152 7.11 -10.03 5.89
N THR B 153 6.67 -11.25 6.10
CA THR B 153 5.30 -11.51 6.54
C THR B 153 5.29 -12.51 7.69
N SER B 154 4.17 -12.52 8.40
CA SER B 154 3.86 -13.59 9.33
C SER B 154 2.42 -14.01 9.12
N ALA B 155 2.20 -15.19 8.53
CA ALA B 155 0.85 -15.73 8.50
C ALA B 155 0.30 -15.93 9.90
N LYS B 156 1.18 -16.26 10.86
CA LYS B 156 0.76 -16.55 12.22
C LYS B 156 0.19 -15.31 12.91
N ASN B 157 0.88 -14.17 12.80
CA ASN B 157 0.47 -12.93 13.46
C ASN B 157 -0.18 -11.93 12.52
N ALA B 158 -0.36 -12.27 11.23
CA ALA B 158 -0.99 -11.50 10.17
C ALA B 158 -0.12 -10.36 9.64
N THR B 159 1.09 -10.17 10.17
CA THR B 159 1.92 -9.05 9.77
C THR B 159 2.18 -9.05 8.26
N ASN B 160 1.78 -7.94 7.61
CA ASN B 160 2.03 -7.63 6.20
C ASN B 160 1.37 -8.61 5.22
N VAL B 161 0.49 -9.48 5.70
CA VAL B 161 -0.16 -10.41 4.78
C VAL B 161 -1.10 -9.66 3.84
N GLU B 162 -1.99 -8.82 4.39
CA GLU B 162 -2.85 -8.05 3.51
C GLU B 162 -2.02 -7.14 2.62
N GLN B 163 -0.94 -6.56 3.15
CA GLN B 163 -0.11 -5.68 2.33
C GLN B 163 0.44 -6.42 1.13
N SER B 164 0.91 -7.67 1.33
CA SER B 164 1.46 -8.45 0.23
C SER B 164 0.45 -8.61 -0.90
N PHE B 165 -0.75 -9.11 -0.57
CA PHE B 165 -1.72 -9.40 -1.62
C PHE B 165 -2.29 -8.13 -2.22
N MET B 166 -2.49 -7.07 -1.41
CA MET B 166 -3.05 -5.83 -1.94
C MET B 166 -2.05 -5.10 -2.81
N THR B 167 -0.75 -5.16 -2.46
CA THR B 167 0.30 -4.58 -3.29
C THR B 167 0.34 -5.25 -4.65
N MET B 168 0.25 -6.57 -4.64
CA MET B 168 0.21 -7.35 -5.87
CA MET B 168 0.23 -7.31 -5.89
C MET B 168 -1.01 -6.97 -6.70
N ALA B 169 -2.18 -6.91 -6.07
CA ALA B 169 -3.38 -6.56 -6.81
C ALA B 169 -3.28 -5.17 -7.45
N ALA B 170 -2.71 -4.20 -6.73
CA ALA B 170 -2.58 -2.86 -7.30
C ALA B 170 -1.61 -2.85 -8.49
N GLU B 171 -0.53 -3.64 -8.41
CA GLU B 171 0.42 -3.71 -9.52
C GLU B 171 -0.20 -4.37 -10.74
N ILE B 172 -0.99 -5.43 -10.55
CA ILE B 172 -1.69 -6.06 -11.67
C ILE B 172 -2.67 -5.09 -12.30
N LYS B 173 -3.44 -4.37 -11.47
CA LYS B 173 -4.39 -3.42 -12.01
C LYS B 173 -3.69 -2.33 -12.81
N LYS B 174 -2.57 -1.80 -12.30
CA LYS B 174 -1.84 -0.78 -13.04
C LYS B 174 -1.35 -1.31 -14.39
N ARG B 175 -0.86 -2.56 -14.40
CA ARG B 175 -0.42 -3.17 -15.64
C ARG B 175 -1.57 -3.31 -16.64
N MET B 176 -2.72 -3.80 -16.16
CA MET B 176 -3.87 -3.98 -17.05
C MET B 176 -4.31 -2.67 -17.68
N LEU B 177 -4.18 -1.56 -16.96
CA LEU B 177 -4.62 -0.26 -17.45
C LEU B 177 -3.57 0.44 -18.30
N GLU B 178 -2.32 0.04 -18.19
CA GLU B 178 -1.27 0.57 -19.06
C GLU B 178 -1.32 -0.14 -20.41
PB GDP C . -3.87 11.64 12.94
O1B GDP C . -4.73 12.01 11.76
O2B GDP C . -4.38 12.16 14.27
O3B GDP C . -2.42 12.01 12.67
O3A GDP C . -3.99 10.02 12.95
PA GDP C . -2.82 8.97 13.29
O1A GDP C . -1.85 8.88 12.15
O2A GDP C . -2.26 9.28 14.63
O5' GDP C . -3.64 7.60 13.23
C5' GDP C . -4.61 7.38 14.25
C4' GDP C . -4.97 5.90 14.26
O4' GDP C . -5.66 5.51 13.07
C3' GDP C . -3.74 5.01 14.30
O3' GDP C . -3.31 4.83 15.66
C2' GDP C . -4.22 3.71 13.71
O2' GDP C . -4.88 2.95 14.72
C1' GDP C . -5.29 4.16 12.76
N9 GDP C . -4.90 4.16 11.35
C8 GDP C . -4.20 5.09 10.69
N7 GDP C . -4.08 4.78 9.38
C5 GDP C . -4.76 3.62 9.20
C6 GDP C . -5.06 2.73 8.07
O6 GDP C . -4.67 2.97 6.92
N1 GDP C . -5.80 1.63 8.33
C2 GDP C . -6.25 1.35 9.56
N2 GDP C . -6.97 0.23 9.74
N3 GDP C . -6.03 2.11 10.66
C4 GDP C . -5.30 3.24 10.51
MG MG D . -1.09 13.17 13.74
CO NCO E . -6.41 34.20 1.07
N1 NCO E . -6.69 35.73 -0.19
N2 NCO E . -6.13 32.69 2.37
N3 NCO E . -4.71 33.70 0.15
N4 NCO E . -7.36 32.97 -0.17
N5 NCO E . -8.14 34.63 1.94
N6 NCO E . -5.48 35.38 2.33
CO NCO F . 14.35 8.97 4.93
N1 NCO F . 15.06 10.56 4.00
N2 NCO F . 13.63 7.40 5.91
N3 NCO F . 15.93 7.91 4.41
N4 NCO F . 13.39 8.38 3.30
N5 NCO F . 12.74 10.02 5.46
N6 NCO F . 15.30 9.55 6.57
C1 MPD G . 3.70 26.03 6.02
C2 MPD G . 4.46 24.73 6.23
O2 MPD G . 4.42 24.00 4.97
CM MPD G . 3.77 23.87 7.28
C3 MPD G . 5.90 25.03 6.59
C4 MPD G . 6.06 26.28 7.46
O4 MPD G . 5.33 26.18 8.65
C5 MPD G . 7.53 26.50 7.80
PB GDP H . 3.45 -24.70 2.53
O1B GDP H . 4.44 -23.74 1.94
O2B GDP H . 3.95 -26.12 2.35
O3B GDP H . 2.05 -24.53 2.01
O3A GDP H . 3.49 -24.37 4.10
PA GDP H . 2.22 -24.40 5.11
O1A GDP H . 1.30 -23.26 4.84
O2A GDP H . 1.62 -25.77 5.06
O5' GDP H . 2.97 -24.10 6.48
C5' GDP H . 3.89 -25.05 7.01
C4' GDP H . 4.12 -24.80 8.49
O4' GDP H . 4.81 -23.56 8.65
C3' GDP H . 2.82 -24.59 9.28
O3' GDP H . 2.32 -25.83 9.73
C2' GDP H . 3.26 -23.76 10.45
O2' GDP H . 3.86 -24.63 11.41
C1' GDP H . 4.42 -22.96 9.89
N9 GDP H . 4.10 -21.55 9.58
C8 GDP H . 3.48 -21.07 8.47
N7 GDP H . 3.42 -19.72 8.51
C5 GDP H . 4.04 -19.33 9.65
C6 GDP H . 4.32 -18.04 10.30
O6 GDP H . 3.98 -16.97 9.77
N1 GDP H . 4.96 -18.08 11.48
C2 GDP H . 5.34 -19.23 12.07
N2 GDP H . 5.99 -19.18 13.25
N3 GDP H . 5.10 -20.46 11.53
C4 GDP H . 4.47 -20.54 10.34
MG MG I . 0.79 -25.78 0.97
CO NCO J . 7.86 -17.39 -21.61
N1 NCO J . 8.36 -16.36 -23.26
N2 NCO J . 7.35 -18.49 -20.02
N3 NCO J . 9.59 -18.37 -21.71
N4 NCO J . 6.96 -18.73 -22.73
N5 NCO J . 6.16 -16.35 -21.46
N6 NCO J . 8.77 -16.06 -20.43
CO NCO K . -14.50 -15.90 1.91
N1 NCO K . -13.14 -14.46 1.80
N2 NCO K . -15.87 -17.34 2.03
N3 NCO K . -13.13 -17.21 1.32
N4 NCO K . -15.00 -15.57 0.02
N5 NCO K . -15.88 -14.60 2.51
N6 NCO K . -13.99 -16.24 3.81
C1 MPD L . -3.16 -21.69 -11.27
C2 MPD L . -3.51 -20.55 -12.22
O2 MPD L . -2.65 -20.64 -13.39
CM MPD L . -3.26 -19.21 -11.55
C3 MPD L . -4.97 -20.65 -12.65
C4 MPD L . -5.12 -20.88 -14.14
O4 MPD L . -4.51 -22.10 -14.48
C5 MPD L . -6.60 -20.93 -14.52
AS CAC M . 8.92 -6.70 -19.08
O1 CAC M . 8.61 -8.28 -19.76
O2 CAC M . 9.40 -5.61 -20.35
C1 CAC M . 7.29 -6.03 -18.23
C2 CAC M . 10.34 -6.84 -17.74
AS CAC N . 11.20 -31.59 -5.58
O1 CAC N . 11.42 -31.66 -3.85
O2 CAC N . 12.74 -31.36 -6.36
C1 CAC N . 10.39 -33.25 -6.21
C2 CAC N . 10.04 -30.07 -6.00
#